data_2XFF
#
_entry.id   2XFF
#
_cell.length_a   68.813
_cell.length_b   71.384
_cell.length_c   92.719
_cell.angle_alpha   90.00
_cell.angle_beta   90.00
_cell.angle_gamma   90.00
#
_symmetry.space_group_name_H-M   'P 21 21 21'
#
loop_
_entity.id
_entity.type
_entity.pdbx_description
1 polymer BETA-AMYLASE
2 branched 4,6-dideoxy-4-{[(1S,4R,5S,6S)-4,5,6-trihydroxy-3-(hydroxymethyl)cyclohex-2-en-1-yl]amino}-alpha-D-glucopyranose-(1-4)-alpha-D-glucopyranose-(1-4)-beta-D-glucopyranose
3 non-polymer 1,2-ETHANEDIOL
4 water water
#
_entity_poly.entity_id   1
_entity_poly.type   'polypeptide(L)'
_entity_poly.pdbx_seq_one_letter_code
;MEVNVKGNYVQVYVMLPLDAVSVNNRFEKGDELRAQLRKLVEAGVDGVMVDVWWGLVEGKGPKAYDWSAYKQLFELVQKA
GLKLQAIMSFHQCGGNVGDAVNIPIPQWVRDVGTRDPDIFYTDGHGTRNIEYLTLGVDNQPLFHGRSAVQMYADYMTSFR
ENMKEFLDAGVIVDIEVGLGPAGEMRYPSYPQSHGWSFPGIGEFICYDKYLQADFKAAAAAVGHPEWEFPNDVGQYNDTP
ERTQFFRDNGTYLSEKGRFFLAWYSNNLIKHGDRILDEANKVFLGYKVQLAIKISGIHWWYKVPSHAAELTAGYYNLHDR
DGYRTIARMLKRHRASINFTCAEMRDSEQSSQAMSAPEELVQQVLSAGWREGLNVACENALPRYDPTAYNTILRNARPHG
INQSGPPEHKLFGFTYLRLSNQLVEGQNYANFKTFVDRMHANLPRDPYVDPMAPLPRSGPEISIEMILQAAQPKLQPFPF
QEHTDLPVGPTGGMGGQAEGPTCGMGGQVKGPTGGMGGQAEDPTSGIGGELPATM
;
_entity_poly.pdbx_strand_id   A
#
loop_
_chem_comp.id
_chem_comp.type
_chem_comp.name
_chem_comp.formula
AC1 D-saccharide 4,6-dideoxy-4-{[(1S,4R,5S,6S)-4,5,6-trihydroxy-3-(hydroxymethyl)cyclohex-2-en-1-yl]amino}-alpha-D-glucopyranose 'C13 H23 N O8'
BGC D-saccharide, beta linking beta-D-glucopyranose 'C6 H12 O6'
EDO non-polymer 1,2-ETHANEDIOL 'C2 H6 O2'
GLC D-saccharide, alpha linking alpha-D-glucopyranose 'C6 H12 O6'
#
# COMPACT_ATOMS: atom_id res chain seq x y z
N ASN A 4 33.29 3.33 -8.17
CA ASN A 4 32.23 2.32 -8.49
C ASN A 4 30.92 2.59 -7.74
N VAL A 5 29.97 3.12 -8.50
CA VAL A 5 28.76 3.61 -7.89
C VAL A 5 27.56 2.70 -8.09
N LYS A 6 27.75 1.47 -8.58
CA LYS A 6 26.65 0.54 -8.90
C LYS A 6 25.66 0.29 -7.74
N GLY A 7 26.17 0.20 -6.51
CA GLY A 7 25.31 -0.08 -5.33
C GLY A 7 24.32 1.04 -5.03
N ASN A 8 24.45 2.18 -5.69
CA ASN A 8 23.55 3.33 -5.58
C ASN A 8 22.30 3.26 -6.46
N TYR A 9 22.30 2.37 -7.45
CA TYR A 9 21.18 2.24 -8.39
C TYR A 9 19.87 1.92 -7.68
N VAL A 10 18.82 2.70 -7.97
CA VAL A 10 17.46 2.44 -7.45
C VAL A 10 16.57 2.14 -8.67
N GLN A 11 15.92 0.96 -8.63
CA GLN A 11 15.03 0.62 -9.72
C GLN A 11 13.82 1.55 -9.75
N VAL A 12 13.34 1.80 -10.98
CA VAL A 12 12.14 2.58 -11.22
C VAL A 12 11.14 1.72 -12.00
N TYR A 13 9.95 1.63 -11.43
CA TYR A 13 8.80 0.99 -12.04
C TYR A 13 7.78 2.05 -12.35
N VAL A 14 6.89 1.78 -13.30
CA VAL A 14 5.80 2.69 -13.64
C VAL A 14 4.49 1.91 -13.55
N MET A 15 3.54 2.44 -12.77
CA MET A 15 2.22 1.86 -12.67
C MET A 15 1.49 2.00 -13.99
N LEU A 16 0.88 0.91 -14.48
CA LEU A 16 0.09 0.96 -15.69
C LEU A 16 -1.25 1.68 -15.44
N PRO A 17 -1.96 2.08 -16.51
CA PRO A 17 -3.30 2.64 -16.29
C PRO A 17 -4.26 1.71 -15.55
N LEU A 18 -5.23 2.29 -14.84
CA LEU A 18 -6.19 1.51 -14.07
C LEU A 18 -7.02 0.62 -14.99
N ASP A 19 -7.19 1.10 -16.23
CA ASP A 19 -7.84 0.43 -17.40
C ASP A 19 -6.94 -0.45 -18.29
N ALA A 20 -5.79 -0.91 -17.77
CA ALA A 20 -4.84 -1.73 -18.56
C ALA A 20 -5.59 -2.95 -19.11
N VAL A 21 -6.47 -3.51 -18.26
CA VAL A 21 -7.45 -4.53 -18.64
C VAL A 21 -8.81 -3.86 -18.50
N SER A 22 -9.68 -4.05 -19.47
CA SER A 22 -10.96 -3.37 -19.46
C SER A 22 -11.88 -3.83 -18.34
N VAL A 23 -12.90 -3.02 -18.06
CA VAL A 23 -13.89 -3.38 -17.06
C VAL A 23 -14.69 -4.63 -17.37
N ASN A 24 -14.55 -5.12 -18.60
CA ASN A 24 -15.16 -6.35 -19.07
C ASN A 24 -14.17 -7.54 -19.04
N ASN A 25 -13.01 -7.36 -18.41
CA ASN A 25 -11.96 -8.39 -18.35
C ASN A 25 -11.50 -8.82 -19.74
N ARG A 26 -11.29 -7.85 -20.61
CA ARG A 26 -10.68 -8.06 -21.94
C ARG A 26 -9.49 -7.13 -22.09
N PHE A 27 -8.48 -7.63 -22.80
CA PHE A 27 -7.29 -6.82 -23.05
C PHE A 27 -7.51 -6.15 -24.41
N GLU A 28 -7.87 -4.87 -24.37
CA GLU A 28 -8.30 -4.23 -25.61
CA GLU A 28 -8.39 -4.10 -25.50
C GLU A 28 -7.48 -3.00 -25.97
N LYS A 29 -6.44 -2.69 -25.21
CA LYS A 29 -5.62 -1.51 -25.50
C LYS A 29 -4.13 -1.89 -25.70
N GLY A 30 -3.86 -3.08 -26.25
CA GLY A 30 -2.51 -3.58 -26.52
C GLY A 30 -1.62 -2.72 -27.37
N ASP A 31 -2.15 -2.16 -28.45
CA ASP A 31 -1.32 -1.36 -29.35
C ASP A 31 -0.94 -0.04 -28.70
N GLU A 32 -1.89 0.60 -28.02
CA GLU A 32 -1.60 1.84 -27.33
C GLU A 32 -0.57 1.59 -26.23
N LEU A 33 -0.75 0.50 -25.47
CA LEU A 33 0.20 0.19 -24.40
C LEU A 33 1.59 -0.14 -24.95
N ARG A 34 1.65 -0.92 -26.02
CA ARG A 34 2.94 -1.22 -26.62
CA ARG A 34 2.95 -1.22 -26.65
C ARG A 34 3.70 0.07 -26.98
N ALA A 35 3.00 1.05 -27.57
CA ALA A 35 3.59 2.33 -27.95
C ALA A 35 4.06 3.14 -26.73
N GLN A 36 3.25 3.14 -25.67
CA GLN A 36 3.68 3.79 -24.44
C GLN A 36 4.90 3.10 -23.80
N LEU A 37 4.91 1.78 -23.82
CA LEU A 37 6.03 1.02 -23.25
C LEU A 37 7.31 1.28 -24.02
N ARG A 38 7.23 1.51 -25.34
CA ARG A 38 8.43 1.91 -26.09
CA ARG A 38 8.42 1.91 -26.09
C ARG A 38 9.03 3.17 -25.47
N LYS A 39 8.18 4.13 -25.07
CA LYS A 39 8.70 5.35 -24.44
C LYS A 39 9.32 5.08 -23.08
N LEU A 40 8.76 4.13 -22.34
CA LEU A 40 9.35 3.78 -21.06
C LEU A 40 10.69 3.07 -21.21
N VAL A 41 10.79 2.19 -22.20
CA VAL A 41 12.06 1.51 -22.53
C VAL A 41 13.13 2.52 -23.03
N GLU A 42 12.70 3.50 -23.83
CA GLU A 42 13.59 4.56 -24.28
C GLU A 42 14.16 5.32 -23.05
N ALA A 43 13.38 5.40 -21.97
CA ALA A 43 13.77 6.10 -20.74
C ALA A 43 14.57 5.23 -19.75
N GLY A 44 14.69 3.91 -20.00
CA GLY A 44 15.50 3.02 -19.17
C GLY A 44 14.76 2.44 -17.96
N VAL A 45 13.43 2.49 -17.96
CA VAL A 45 12.61 1.97 -16.87
C VAL A 45 12.87 0.48 -16.64
N ASP A 46 12.89 0.11 -15.36
CA ASP A 46 13.14 -1.28 -14.98
C ASP A 46 11.92 -2.20 -15.20
N GLY A 47 10.72 -1.68 -14.96
CA GLY A 47 9.55 -2.49 -15.06
C GLY A 47 8.29 -1.73 -14.90
N VAL A 48 7.17 -2.43 -14.89
CA VAL A 48 5.86 -1.81 -14.67
C VAL A 48 5.15 -2.53 -13.52
N MET A 49 4.10 -1.90 -13.00
CA MET A 49 3.29 -2.48 -11.96
CA MET A 49 3.28 -2.44 -11.90
C MET A 49 1.83 -2.43 -12.36
N VAL A 50 1.07 -3.43 -11.95
CA VAL A 50 -0.34 -3.51 -12.35
C VAL A 50 -1.22 -4.12 -11.30
N ASP A 51 -2.40 -3.56 -11.19
CA ASP A 51 -3.50 -4.11 -10.39
CA ASP A 51 -3.50 -4.08 -10.39
C ASP A 51 -4.07 -5.32 -11.06
N VAL A 52 -4.13 -6.44 -10.33
CA VAL A 52 -4.75 -7.66 -10.83
C VAL A 52 -6.10 -7.81 -10.12
N TRP A 53 -7.16 -7.29 -10.77
CA TRP A 53 -8.42 -7.01 -10.09
C TRP A 53 -9.22 -8.28 -9.81
N TRP A 54 -9.49 -8.55 -8.54
CA TRP A 54 -10.32 -9.66 -8.11
C TRP A 54 -11.68 -9.65 -8.79
N GLY A 55 -12.32 -8.49 -8.89
CA GLY A 55 -13.61 -8.36 -9.51
C GLY A 55 -13.64 -8.66 -10.99
N LEU A 56 -12.51 -8.53 -11.67
CA LEU A 56 -12.41 -8.95 -13.07
C LEU A 56 -12.20 -10.45 -13.17
N VAL A 57 -11.26 -11.01 -12.44
CA VAL A 57 -10.82 -12.39 -12.66
C VAL A 57 -11.77 -13.43 -12.08
N GLU A 58 -12.29 -13.18 -10.86
CA GLU A 58 -13.21 -14.13 -10.22
C GLU A 58 -14.62 -13.54 -10.21
N GLY A 59 -14.97 -12.78 -11.25
CA GLY A 59 -16.31 -12.21 -11.36
C GLY A 59 -17.45 -13.21 -11.65
N LYS A 60 -17.23 -14.35 -12.31
CA LYS A 60 -18.35 -15.27 -12.72
C LYS A 60 -19.01 -15.95 -11.52
N GLY A 61 -18.18 -16.37 -10.59
CA GLY A 61 -18.60 -17.23 -9.56
C GLY A 61 -17.38 -17.77 -8.84
N PRO A 62 -17.58 -18.47 -7.73
CA PRO A 62 -16.49 -19.02 -6.97
C PRO A 62 -15.58 -19.91 -7.78
N LYS A 63 -14.30 -19.59 -7.74
CA LYS A 63 -13.23 -20.35 -8.40
C LYS A 63 -13.30 -20.37 -9.91
N ALA A 64 -14.15 -19.53 -10.49
CA ALA A 64 -14.28 -19.43 -11.95
C ALA A 64 -13.30 -18.41 -12.47
N TYR A 65 -12.01 -18.65 -12.28
CA TYR A 65 -10.99 -17.65 -12.57
C TYR A 65 -10.81 -17.50 -14.09
N ASP A 66 -10.86 -16.27 -14.62
CA ASP A 66 -10.65 -16.01 -16.04
C ASP A 66 -9.39 -15.13 -16.17
N TRP A 67 -8.25 -15.79 -16.42
CA TRP A 67 -6.95 -15.12 -16.54
C TRP A 67 -6.56 -14.69 -17.95
N SER A 68 -7.48 -14.84 -18.90
CA SER A 68 -7.15 -14.61 -20.31
CA SER A 68 -7.13 -14.65 -20.30
C SER A 68 -6.56 -13.25 -20.60
N ALA A 69 -7.20 -12.19 -20.13
CA ALA A 69 -6.72 -10.83 -20.37
C ALA A 69 -5.41 -10.53 -19.69
N TYR A 70 -5.26 -10.93 -18.43
CA TYR A 70 -4.01 -10.71 -17.74
C TYR A 70 -2.85 -11.45 -18.40
N LYS A 71 -3.08 -12.67 -18.91
CA LYS A 71 -2.00 -13.39 -19.56
C LYS A 71 -1.55 -12.65 -20.84
N GLN A 72 -2.49 -12.05 -21.57
CA GLN A 72 -2.17 -11.26 -22.76
CA GLN A 72 -2.15 -11.25 -22.76
C GLN A 72 -1.35 -10.01 -22.37
N LEU A 73 -1.76 -9.31 -21.31
CA LEU A 73 -0.99 -8.18 -20.82
CA LEU A 73 -1.00 -8.18 -20.78
C LEU A 73 0.41 -8.57 -20.40
N PHE A 74 0.52 -9.65 -19.64
CA PHE A 74 1.84 -10.06 -19.14
C PHE A 74 2.77 -10.45 -20.29
N GLU A 75 2.23 -11.14 -21.29
CA GLU A 75 3.03 -11.45 -22.47
C GLU A 75 3.54 -10.20 -23.16
N LEU A 76 2.68 -9.16 -23.29
CA LEU A 76 3.13 -7.90 -23.89
CA LEU A 76 3.13 -7.91 -23.90
C LEU A 76 4.27 -7.28 -23.09
N VAL A 77 4.15 -7.26 -21.78
CA VAL A 77 5.19 -6.69 -20.92
C VAL A 77 6.52 -7.49 -21.05
N GLN A 78 6.42 -8.81 -21.12
CA GLN A 78 7.59 -9.67 -21.28
C GLN A 78 8.29 -9.31 -22.63
N LYS A 79 7.50 -9.23 -23.68
CA LYS A 79 8.02 -8.93 -25.03
CA LYS A 79 8.02 -8.94 -25.02
C LYS A 79 8.57 -7.54 -25.15
N ALA A 80 8.29 -6.65 -24.21
CA ALA A 80 8.92 -5.32 -24.13
C ALA A 80 10.23 -5.35 -23.33
N GLY A 81 10.59 -6.49 -22.76
CA GLY A 81 11.83 -6.59 -21.97
C GLY A 81 11.73 -5.99 -20.57
N LEU A 82 10.52 -5.79 -20.08
CA LEU A 82 10.27 -5.15 -18.77
C LEU A 82 9.92 -6.16 -17.70
N LYS A 83 10.36 -5.89 -16.47
CA LYS A 83 9.87 -6.65 -15.35
CA LYS A 83 9.92 -6.61 -15.28
C LYS A 83 8.50 -6.17 -14.90
N LEU A 84 7.87 -6.94 -14.01
CA LEU A 84 6.47 -6.78 -13.65
CA LEU A 84 6.49 -6.67 -13.61
C LEU A 84 6.27 -6.96 -12.13
N GLN A 85 5.61 -6.01 -11.49
CA GLN A 85 5.13 -6.09 -10.10
CA GLN A 85 5.14 -6.17 -10.12
C GLN A 85 3.63 -6.27 -10.18
N ALA A 86 3.09 -7.30 -9.54
CA ALA A 86 1.67 -7.65 -9.62
C ALA A 86 1.01 -7.39 -8.27
N ILE A 87 -0.08 -6.62 -8.24
CA ILE A 87 -0.85 -6.40 -7.03
C ILE A 87 -2.03 -7.36 -7.02
N MET A 88 -2.18 -8.11 -5.91
CA MET A 88 -3.35 -8.94 -5.68
C MET A 88 -4.42 -8.00 -5.14
N SER A 89 -5.27 -7.51 -6.07
CA SER A 89 -6.16 -6.38 -5.80
C SER A 89 -7.54 -6.86 -5.36
N PHE A 90 -7.68 -7.10 -4.04
CA PHE A 90 -8.89 -7.64 -3.44
C PHE A 90 -9.88 -6.52 -3.04
N HIS A 91 -9.95 -5.47 -3.84
CA HIS A 91 -10.70 -4.29 -3.51
C HIS A 91 -11.33 -3.68 -4.74
N GLN A 92 -12.23 -2.71 -4.52
CA GLN A 92 -12.89 -1.99 -5.59
C GLN A 92 -11.94 -0.96 -6.20
N CYS A 93 -11.97 -0.89 -7.53
CA CYS A 93 -11.34 0.19 -8.28
C CYS A 93 -12.40 1.28 -8.49
N GLY A 94 -12.05 2.52 -8.16
CA GLY A 94 -12.96 3.60 -8.39
C GLY A 94 -14.15 3.62 -7.45
N GLY A 95 -15.28 4.08 -7.98
CA GLY A 95 -16.46 4.38 -7.17
C GLY A 95 -16.53 5.75 -6.48
N ASN A 96 -15.54 6.61 -6.66
CA ASN A 96 -15.69 7.98 -6.17
C ASN A 96 -16.17 8.88 -7.30
N VAL A 97 -16.73 10.02 -6.89
CA VAL A 97 -17.23 10.96 -7.87
C VAL A 97 -16.15 11.32 -8.90
N GLY A 98 -16.50 11.15 -10.18
CA GLY A 98 -15.63 11.44 -11.31
C GLY A 98 -14.59 10.39 -11.69
N ASP A 99 -14.55 9.26 -10.96
CA ASP A 99 -13.66 8.16 -11.35
C ASP A 99 -14.10 7.53 -12.66
N ALA A 100 -13.15 7.41 -13.59
CA ALA A 100 -13.43 6.89 -14.90
C ALA A 100 -13.46 5.38 -14.97
N VAL A 101 -12.68 4.70 -14.12
CA VAL A 101 -12.61 3.23 -14.17
C VAL A 101 -13.19 2.68 -12.88
N ASN A 102 -14.28 1.90 -12.99
CA ASN A 102 -15.07 1.42 -11.82
C ASN A 102 -15.19 -0.12 -11.91
N ILE A 103 -14.53 -0.82 -10.98
CA ILE A 103 -14.47 -2.29 -10.95
C ILE A 103 -14.71 -2.73 -9.49
N PRO A 104 -15.93 -3.15 -9.17
CA PRO A 104 -16.22 -3.61 -7.82
C PRO A 104 -15.61 -4.97 -7.54
N ILE A 105 -15.62 -5.39 -6.29
CA ILE A 105 -15.30 -6.79 -5.95
C ILE A 105 -16.39 -7.69 -6.53
N PRO A 106 -16.18 -9.00 -6.61
CA PRO A 106 -17.16 -9.83 -7.30
C PRO A 106 -18.60 -9.70 -6.80
N GLN A 107 -19.53 -9.65 -7.75
CA GLN A 107 -20.95 -9.52 -7.41
C GLN A 107 -21.44 -10.66 -6.49
N TRP A 108 -21.03 -11.89 -6.75
CA TRP A 108 -21.44 -13.03 -5.92
C TRP A 108 -20.94 -12.91 -4.50
N VAL A 109 -19.82 -12.20 -4.28
CA VAL A 109 -19.35 -11.90 -2.91
C VAL A 109 -20.26 -10.89 -2.25
N ARG A 110 -20.56 -9.82 -3.00
CA ARG A 110 -21.47 -8.79 -2.50
C ARG A 110 -22.85 -9.32 -2.23
N ASP A 111 -23.31 -10.34 -2.97
CA ASP A 111 -24.60 -10.91 -2.72
C ASP A 111 -24.74 -11.42 -1.29
N VAL A 112 -23.66 -11.94 -0.72
CA VAL A 112 -23.66 -12.38 0.69
C VAL A 112 -24.08 -11.26 1.63
N GLY A 113 -23.74 -10.02 1.26
CA GLY A 113 -24.06 -8.85 2.05
C GLY A 113 -25.55 -8.51 2.16
N THR A 114 -26.35 -9.08 1.28
CA THR A 114 -27.80 -8.87 1.36
C THR A 114 -28.40 -9.47 2.64
N ARG A 115 -28.01 -10.70 2.98
CA ARG A 115 -28.46 -11.32 4.22
CA ARG A 115 -28.40 -11.39 4.20
CA ARG A 115 -28.47 -11.26 4.24
C ARG A 115 -27.48 -11.01 5.38
N ASP A 116 -26.21 -10.64 5.07
CA ASP A 116 -25.17 -10.36 6.10
C ASP A 116 -24.40 -9.09 5.76
N PRO A 117 -25.00 -7.93 6.07
CA PRO A 117 -24.36 -6.65 5.71
C PRO A 117 -23.09 -6.35 6.51
N ASP A 118 -22.84 -7.14 7.55
CA ASP A 118 -21.69 -7.01 8.40
C ASP A 118 -20.43 -7.62 7.79
N ILE A 119 -20.47 -8.09 6.54
CA ILE A 119 -19.25 -8.44 5.81
C ILE A 119 -18.42 -7.22 5.42
N PHE A 120 -18.99 -6.02 5.54
CA PHE A 120 -18.37 -4.76 5.16
C PHE A 120 -17.97 -3.94 6.37
N TYR A 121 -16.81 -3.29 6.31
CA TYR A 121 -16.50 -2.29 7.31
C TYR A 121 -17.63 -1.29 7.44
N THR A 122 -17.99 -0.97 8.68
CA THR A 122 -19.18 -0.18 8.98
C THR A 122 -18.80 0.93 9.97
N ASP A 123 -19.30 2.15 9.76
CA ASP A 123 -19.01 3.26 10.65
C ASP A 123 -20.10 3.41 11.74
N GLY A 124 -19.92 4.40 12.61
CA GLY A 124 -20.76 4.56 13.76
C GLY A 124 -22.17 5.01 13.45
N HIS A 125 -22.40 5.50 12.23
CA HIS A 125 -23.68 5.88 11.63
CA HIS A 125 -23.80 5.74 11.85
C HIS A 125 -24.41 4.63 11.05
N GLY A 126 -23.68 3.52 10.89
CA GLY A 126 -24.20 2.35 10.22
C GLY A 126 -23.84 2.25 8.75
N THR A 127 -23.10 3.20 8.21
CA THR A 127 -22.83 3.22 6.78
C THR A 127 -21.86 2.09 6.45
N ARG A 128 -22.22 1.27 5.46
CA ARG A 128 -21.40 0.16 4.98
C ARG A 128 -20.46 0.59 3.85
N ASN A 129 -19.19 0.28 3.96
CA ASN A 129 -18.22 0.54 2.88
C ASN A 129 -18.11 -0.72 2.06
N ILE A 130 -18.47 -0.67 0.79
CA ILE A 130 -18.56 -1.87 -0.02
C ILE A 130 -17.32 -2.17 -0.87
N GLU A 131 -16.20 -1.51 -0.56
CA GLU A 131 -14.97 -1.64 -1.33
C GLU A 131 -14.11 -2.87 -0.99
N TYR A 132 -14.36 -3.53 0.16
CA TYR A 132 -13.46 -4.52 0.70
C TYR A 132 -14.21 -5.27 1.81
N LEU A 133 -13.79 -6.51 2.10
CA LEU A 133 -14.42 -7.28 3.17
C LEU A 133 -13.75 -6.99 4.52
N THR A 134 -14.55 -6.72 5.54
CA THR A 134 -13.97 -6.48 6.86
C THR A 134 -12.98 -7.58 7.26
N LEU A 135 -11.89 -7.21 7.92
CA LEU A 135 -10.99 -8.17 8.52
C LEU A 135 -11.71 -9.06 9.53
N GLY A 136 -12.85 -8.61 10.05
CA GLY A 136 -13.69 -9.44 10.90
C GLY A 136 -14.20 -10.72 10.31
N VAL A 137 -14.23 -10.83 8.98
CA VAL A 137 -14.66 -12.07 8.32
C VAL A 137 -13.49 -12.82 7.69
N ASP A 138 -12.26 -12.46 8.05
CA ASP A 138 -11.11 -13.19 7.56
C ASP A 138 -11.24 -14.71 7.68
N ASN A 139 -11.73 -15.14 8.83
CA ASN A 139 -11.79 -16.56 9.14
C ASN A 139 -13.23 -17.03 9.33
N GLN A 140 -14.21 -16.29 8.83
CA GLN A 140 -15.61 -16.69 8.90
C GLN A 140 -16.02 -17.31 7.58
N PRO A 141 -16.56 -18.55 7.59
CA PRO A 141 -16.83 -19.29 6.35
C PRO A 141 -18.17 -18.91 5.72
N LEU A 142 -18.28 -17.67 5.32
CA LEU A 142 -19.56 -17.06 4.91
C LEU A 142 -19.82 -17.10 3.40
N PHE A 143 -18.80 -17.44 2.60
CA PHE A 143 -18.84 -17.19 1.16
C PHE A 143 -18.87 -18.55 0.45
N HIS A 144 -20.07 -19.13 0.39
CA HIS A 144 -20.29 -20.48 -0.12
C HIS A 144 -19.27 -21.45 0.44
N GLY A 145 -19.11 -21.39 1.77
CA GLY A 145 -18.27 -22.27 2.52
C GLY A 145 -16.85 -21.81 2.73
N ARG A 146 -16.40 -20.79 2.00
CA ARG A 146 -15.04 -20.25 2.17
C ARG A 146 -15.03 -19.00 3.05
N SER A 147 -13.93 -18.84 3.79
CA SER A 147 -13.67 -17.58 4.47
C SER A 147 -13.02 -16.57 3.51
N ALA A 148 -12.91 -15.30 3.93
CA ALA A 148 -12.22 -14.30 3.09
C ALA A 148 -10.76 -14.69 2.88
N VAL A 149 -10.04 -15.13 3.91
CA VAL A 149 -8.64 -15.52 3.77
C VAL A 149 -8.53 -16.70 2.80
N GLN A 150 -9.46 -17.67 2.86
CA GLN A 150 -9.41 -18.78 1.90
C GLN A 150 -9.61 -18.27 0.48
N MET A 151 -10.52 -17.33 0.28
CA MET A 151 -10.70 -16.77 -1.09
C MET A 151 -9.43 -16.09 -1.56
N TYR A 152 -8.74 -15.37 -0.68
CA TYR A 152 -7.50 -14.69 -1.06
C TYR A 152 -6.40 -15.69 -1.43
N ALA A 153 -6.25 -16.74 -0.59
CA ALA A 153 -5.26 -17.80 -0.80
C ALA A 153 -5.55 -18.53 -2.12
N ASP A 154 -6.81 -18.85 -2.37
CA ASP A 154 -7.17 -19.59 -3.58
C ASP A 154 -6.92 -18.74 -4.84
N TYR A 155 -7.17 -17.43 -4.76
CA TYR A 155 -6.90 -16.51 -5.89
C TYR A 155 -5.40 -16.47 -6.18
N MET A 156 -4.60 -16.32 -5.12
CA MET A 156 -3.15 -16.30 -5.31
C MET A 156 -2.61 -17.62 -5.84
N THR A 157 -3.17 -18.75 -5.38
CA THR A 157 -2.79 -20.06 -5.91
C THR A 157 -3.08 -20.16 -7.41
N SER A 158 -4.25 -19.71 -7.84
CA SER A 158 -4.60 -19.78 -9.24
C SER A 158 -3.70 -18.87 -10.04
N PHE A 159 -3.41 -17.69 -9.49
CA PHE A 159 -2.49 -16.76 -10.14
C PHE A 159 -1.12 -17.44 -10.35
N ARG A 160 -0.57 -18.03 -9.29
CA ARG A 160 0.72 -18.67 -9.40
C ARG A 160 0.71 -19.78 -10.47
N GLU A 161 -0.32 -20.62 -10.46
CA GLU A 161 -0.39 -21.70 -11.44
C GLU A 161 -0.48 -21.19 -12.86
N ASN A 162 -1.34 -20.21 -13.08
CA ASN A 162 -1.51 -19.66 -14.42
C ASN A 162 -0.33 -18.85 -14.93
N MET A 163 0.37 -18.19 -14.01
CA MET A 163 1.42 -17.25 -14.39
C MET A 163 2.81 -17.84 -14.14
N LYS A 164 2.88 -19.16 -13.95
CA LYS A 164 4.13 -19.83 -13.64
C LYS A 164 5.22 -19.56 -14.66
N GLU A 165 4.88 -19.50 -15.93
CA GLU A 165 5.90 -19.24 -16.93
C GLU A 165 6.54 -17.86 -16.75
N PHE A 166 5.74 -16.85 -16.38
CA PHE A 166 6.25 -15.51 -16.20
C PHE A 166 7.09 -15.40 -14.95
N LEU A 167 6.75 -16.17 -13.93
CA LEU A 167 7.55 -16.26 -12.73
C LEU A 167 8.92 -16.88 -13.10
N ASP A 168 8.88 -18.03 -13.76
CA ASP A 168 10.10 -18.78 -14.06
C ASP A 168 11.01 -18.02 -14.99
N ALA A 169 10.44 -17.21 -15.88
CA ALA A 169 11.20 -16.39 -16.82
C ALA A 169 11.77 -15.12 -16.19
N GLY A 170 11.47 -14.85 -14.92
CA GLY A 170 11.96 -13.65 -14.29
C GLY A 170 11.24 -12.39 -14.69
N VAL A 171 10.02 -12.53 -15.23
CA VAL A 171 9.21 -11.36 -15.56
C VAL A 171 8.56 -10.80 -14.31
N ILE A 172 7.80 -11.64 -13.61
CA ILE A 172 7.15 -11.24 -12.36
C ILE A 172 8.15 -11.37 -11.22
N VAL A 173 8.45 -10.24 -10.58
CA VAL A 173 9.51 -10.12 -9.57
C VAL A 173 9.00 -9.69 -8.20
N ASP A 174 7.74 -9.28 -8.10
CA ASP A 174 7.16 -8.76 -6.85
C ASP A 174 5.67 -9.04 -6.87
N ILE A 175 5.13 -9.46 -5.72
CA ILE A 175 3.73 -9.66 -5.48
C ILE A 175 3.36 -8.77 -4.32
N GLU A 176 2.56 -7.75 -4.58
CA GLU A 176 2.05 -6.86 -3.54
C GLU A 176 0.66 -7.38 -3.15
N VAL A 177 0.47 -7.66 -1.86
CA VAL A 177 -0.78 -8.27 -1.40
C VAL A 177 -1.69 -7.17 -0.91
N GLY A 178 -2.81 -6.96 -1.60
CA GLY A 178 -3.78 -5.96 -1.15
C GLY A 178 -4.42 -6.38 0.16
N LEU A 179 -4.51 -5.44 1.10
CA LEU A 179 -4.94 -5.72 2.47
C LEU A 179 -6.10 -4.85 2.94
N GLY A 180 -6.71 -4.10 2.04
CA GLY A 180 -7.79 -3.19 2.41
C GLY A 180 -8.20 -2.36 1.22
N PRO A 181 -9.05 -1.36 1.45
CA PRO A 181 -9.42 -0.39 0.42
C PRO A 181 -8.20 0.23 -0.23
N ALA A 182 -8.26 0.41 -1.55
CA ALA A 182 -7.15 0.94 -2.33
C ALA A 182 -5.93 -0.02 -2.29
N GLY A 183 -6.12 -1.26 -1.84
CA GLY A 183 -5.06 -2.21 -1.66
C GLY A 183 -4.17 -1.95 -0.47
N GLU A 184 -4.55 -1.03 0.40
CA GLU A 184 -3.70 -0.58 1.48
C GLU A 184 -4.12 -1.25 2.78
N MET A 185 -3.16 -1.51 3.65
CA MET A 185 -3.45 -2.10 4.97
CA MET A 185 -3.39 -2.07 4.98
C MET A 185 -3.93 -0.96 5.88
N ARG A 186 -5.23 -0.72 5.82
CA ARG A 186 -5.89 0.38 6.53
C ARG A 186 -7.40 0.11 6.62
N TYR A 187 -8.05 0.93 7.44
CA TYR A 187 -9.50 1.03 7.45
C TYR A 187 -9.96 2.13 6.46
N PRO A 188 -11.22 2.08 5.99
CA PRO A 188 -11.73 3.11 5.06
C PRO A 188 -12.22 4.36 5.83
N SER A 189 -11.30 5.00 6.53
CA SER A 189 -11.59 6.06 7.49
C SER A 189 -11.78 7.44 6.87
N TYR A 190 -11.44 7.56 5.58
CA TYR A 190 -11.57 8.84 4.83
C TYR A 190 -12.33 8.64 3.53
N PRO A 191 -13.65 8.43 3.63
CA PRO A 191 -14.46 8.08 2.45
C PRO A 191 -14.80 9.33 1.62
N GLN A 192 -13.95 9.63 0.65
N GLN A 192 -13.87 9.71 0.77
CA GLN A 192 -13.98 10.90 -0.14
CA GLN A 192 -14.08 10.86 -0.06
C GLN A 192 -15.29 11.20 -0.93
C GLN A 192 -15.31 10.64 -0.90
N SER A 193 -16.11 10.23 -1.25
N SER A 193 -16.10 11.71 -0.96
CA SER A 193 -17.34 10.54 -2.02
CA SER A 193 -17.42 11.81 -1.60
C SER A 193 -18.57 10.31 -1.17
C SER A 193 -18.58 10.98 -0.99
N HIS A 194 -18.34 10.25 0.13
CA HIS A 194 -19.39 9.74 1.01
C HIS A 194 -19.28 10.31 2.41
N GLY A 195 -18.80 11.53 2.51
CA GLY A 195 -18.94 12.23 3.76
C GLY A 195 -17.65 12.73 4.37
N TRP A 196 -16.49 12.45 3.74
CA TRP A 196 -15.21 13.00 4.17
C TRP A 196 -14.63 13.89 3.08
N SER A 197 -14.01 14.99 3.51
CA SER A 197 -13.14 15.80 2.67
C SER A 197 -11.86 16.08 3.41
N PHE A 198 -10.76 16.07 2.67
CA PHE A 198 -9.45 16.43 3.22
C PHE A 198 -9.51 17.84 3.82
N PRO A 199 -8.91 18.07 5.00
CA PRO A 199 -8.15 17.17 5.88
C PRO A 199 -8.93 16.74 7.12
N GLY A 200 -10.16 16.20 6.97
CA GLY A 200 -10.89 15.77 8.14
C GLY A 200 -10.14 14.69 8.91
N ILE A 201 -10.41 14.61 10.21
CA ILE A 201 -9.81 13.57 11.04
C ILE A 201 -10.23 12.14 10.66
N GLY A 202 -11.31 11.95 9.93
CA GLY A 202 -11.81 10.62 9.63
C GLY A 202 -12.54 10.01 10.81
N GLU A 203 -12.92 8.75 10.68
CA GLU A 203 -13.64 8.02 11.71
C GLU A 203 -13.13 6.59 11.86
N PHE A 204 -13.38 6.04 13.05
CA PHE A 204 -13.14 4.65 13.30
C PHE A 204 -14.21 3.78 12.63
N ILE A 205 -13.78 2.78 11.85
CA ILE A 205 -14.70 1.99 11.01
C ILE A 205 -14.74 0.54 11.49
N CYS A 206 -15.16 0.41 12.76
CA CYS A 206 -15.11 -0.86 13.50
C CYS A 206 -16.46 -1.33 14.02
N TYR A 207 -17.53 -0.85 13.41
CA TYR A 207 -18.89 -1.12 13.92
C TYR A 207 -19.58 -2.34 13.30
N ASP A 208 -18.92 -3.03 12.36
CA ASP A 208 -19.54 -4.29 11.85
C ASP A 208 -19.65 -5.25 13.06
N LYS A 209 -20.61 -6.16 12.99
CA LYS A 209 -20.93 -7.00 14.14
C LYS A 209 -19.80 -7.95 14.50
N TYR A 210 -18.99 -8.33 13.51
CA TYR A 210 -17.84 -9.21 13.79
C TYR A 210 -16.79 -8.49 14.62
N LEU A 211 -16.47 -7.27 14.25
CA LEU A 211 -15.52 -6.46 15.04
C LEU A 211 -16.07 -6.05 16.38
N GLN A 212 -17.38 -5.79 16.48
CA GLN A 212 -17.95 -5.48 17.81
C GLN A 212 -17.81 -6.68 18.76
N ALA A 213 -18.08 -7.86 18.25
CA ALA A 213 -17.98 -9.06 19.08
C ALA A 213 -16.51 -9.30 19.47
N ASP A 214 -15.58 -9.02 18.54
CA ASP A 214 -14.16 -9.17 18.84
C ASP A 214 -13.69 -8.21 19.93
N PHE A 215 -14.13 -6.96 19.86
CA PHE A 215 -13.81 -5.99 20.91
C PHE A 215 -14.40 -6.43 22.25
N LYS A 216 -15.65 -6.91 22.23
CA LYS A 216 -16.29 -7.30 23.50
C LYS A 216 -15.48 -8.45 24.16
N ALA A 217 -15.04 -9.40 23.36
CA ALA A 217 -14.21 -10.49 23.87
C ALA A 217 -12.85 -10.01 24.39
N ALA A 218 -12.21 -9.10 23.68
CA ALA A 218 -10.94 -8.55 24.09
C ALA A 218 -11.08 -7.80 25.40
N ALA A 219 -12.12 -6.97 25.53
CA ALA A 219 -12.40 -6.20 26.73
C ALA A 219 -12.71 -7.13 27.93
N ALA A 220 -13.45 -8.19 27.67
CA ALA A 220 -13.77 -9.15 28.73
C ALA A 220 -12.53 -9.89 29.19
N ALA A 221 -11.61 -10.19 28.28
CA ALA A 221 -10.41 -10.97 28.64
C ALA A 221 -9.54 -10.19 29.62
N VAL A 222 -9.60 -8.87 29.58
CA VAL A 222 -8.91 -7.96 30.54
C VAL A 222 -9.78 -7.42 31.71
N GLY A 223 -10.94 -8.05 31.91
CA GLY A 223 -11.83 -7.71 33.02
C GLY A 223 -12.64 -6.44 32.92
N HIS A 224 -12.84 -5.92 31.71
CA HIS A 224 -13.68 -4.76 31.47
C HIS A 224 -14.78 -5.03 30.44
N PRO A 225 -15.73 -5.92 30.79
CA PRO A 225 -16.80 -6.24 29.85
C PRO A 225 -17.68 -5.07 29.48
N GLU A 226 -17.66 -4.04 30.29
CA GLU A 226 -18.52 -2.90 30.07
C GLU A 226 -17.97 -1.91 29.07
N TRP A 227 -16.67 -1.99 28.75
CA TRP A 227 -16.06 -1.01 27.83
C TRP A 227 -16.71 -1.07 26.47
N GLU A 228 -16.81 0.10 25.84
CA GLU A 228 -17.39 0.27 24.52
C GLU A 228 -16.44 1.14 23.73
N PHE A 229 -16.66 1.17 22.42
CA PHE A 229 -15.90 2.09 21.58
C PHE A 229 -16.05 3.52 22.07
N PRO A 230 -15.01 4.36 21.90
CA PRO A 230 -15.16 5.78 22.31
C PRO A 230 -16.29 6.48 21.58
N ASN A 231 -16.99 7.29 22.39
N ASN A 231 -17.08 7.33 22.23
CA ASN A 231 -18.20 8.02 22.02
CA ASN A 231 -18.11 8.07 21.46
C ASN A 231 -17.99 9.53 22.08
C ASN A 231 -17.91 9.57 21.53
N ASP A 232 -16.75 9.98 22.00
CA ASP A 232 -16.40 11.39 22.08
C ASP A 232 -15.40 11.76 20.96
N VAL A 233 -15.64 11.18 19.80
CA VAL A 233 -14.71 11.16 18.68
C VAL A 233 -15.11 12.06 17.49
N GLY A 234 -16.21 12.79 17.64
CA GLY A 234 -16.67 13.67 16.59
C GLY A 234 -17.02 12.88 15.32
N GLN A 235 -16.79 13.52 14.17
CA GLN A 235 -17.15 12.97 12.87
CA GLN A 235 -17.15 12.95 12.87
C GLN A 235 -16.10 13.28 11.81
N TYR A 236 -16.28 12.72 10.61
CA TYR A 236 -15.29 12.73 9.55
C TYR A 236 -14.58 14.05 9.35
N ASN A 237 -15.33 15.16 9.24
CA ASN A 237 -14.74 16.44 8.87
C ASN A 237 -14.40 17.34 10.04
N ASP A 238 -14.43 16.81 11.25
CA ASP A 238 -13.91 17.55 12.40
C ASP A 238 -12.39 17.74 12.30
N THR A 239 -11.90 18.65 13.13
CA THR A 239 -10.49 18.76 13.50
C THR A 239 -10.33 18.23 14.92
N PRO A 240 -9.10 17.97 15.37
CA PRO A 240 -8.96 17.31 16.66
C PRO A 240 -9.56 18.06 17.85
N GLU A 241 -9.43 19.38 17.88
CA GLU A 241 -9.94 20.14 19.00
C GLU A 241 -11.43 20.23 19.07
N ARG A 242 -12.13 19.80 18.01
CA ARG A 242 -13.58 19.68 18.03
C ARG A 242 -14.09 18.52 18.89
N THR A 243 -13.18 17.68 19.37
CA THR A 243 -13.52 16.41 20.02
C THR A 243 -12.84 16.27 21.38
N GLN A 244 -13.48 15.56 22.31
CA GLN A 244 -12.81 15.25 23.58
C GLN A 244 -11.78 14.14 23.42
N PHE A 245 -11.97 13.26 22.43
CA PHE A 245 -11.04 12.15 22.26
C PHE A 245 -9.67 12.59 21.72
N PHE A 246 -9.67 13.39 20.65
CA PHE A 246 -8.46 13.70 19.92
C PHE A 246 -7.82 15.02 20.30
N ARG A 247 -8.50 15.84 21.09
CA ARG A 247 -7.92 17.11 21.45
C ARG A 247 -6.59 16.88 22.24
N ASP A 248 -5.72 17.90 22.24
CA ASP A 248 -4.52 17.94 23.10
CA ASP A 248 -4.52 17.86 23.07
C ASP A 248 -4.98 17.64 24.53
N ASN A 249 -4.34 16.67 25.20
CA ASN A 249 -4.74 16.23 26.56
C ASN A 249 -6.10 15.56 26.63
N GLY A 250 -6.54 15.02 25.50
CA GLY A 250 -7.84 14.39 25.39
C GLY A 250 -7.87 12.94 25.85
N THR A 251 -9.00 12.30 25.65
CA THR A 251 -9.23 10.97 26.19
C THR A 251 -8.54 9.83 25.39
N TYR A 252 -7.94 10.14 24.25
CA TYR A 252 -7.06 9.17 23.58
C TYR A 252 -5.95 8.70 24.49
N LEU A 253 -5.58 9.53 25.49
CA LEU A 253 -4.47 9.22 26.40
C LEU A 253 -4.89 8.29 27.54
N SER A 254 -6.18 8.15 27.78
CA SER A 254 -6.69 7.42 28.94
C SER A 254 -6.45 5.92 28.81
N GLU A 255 -6.65 5.15 29.89
CA GLU A 255 -6.51 3.71 29.85
C GLU A 255 -7.46 3.09 28.81
N LYS A 256 -8.70 3.53 28.80
CA LYS A 256 -9.70 3.02 27.89
C LYS A 256 -9.34 3.39 26.46
N GLY A 257 -8.88 4.63 26.28
CA GLY A 257 -8.47 5.10 24.93
C GLY A 257 -7.31 4.29 24.38
N ARG A 258 -6.31 4.06 25.21
CA ARG A 258 -5.16 3.28 24.79
C ARG A 258 -5.55 1.85 24.45
N PHE A 259 -6.42 1.25 25.23
CA PHE A 259 -6.90 -0.11 24.98
C PHE A 259 -7.62 -0.21 23.62
N PHE A 260 -8.50 0.75 23.36
CA PHE A 260 -9.24 0.77 22.10
C PHE A 260 -8.29 0.99 20.92
N LEU A 261 -7.40 1.96 21.01
CA LEU A 261 -6.48 2.23 19.90
C LEU A 261 -5.54 1.08 19.62
N ALA A 262 -5.07 0.40 20.67
CA ALA A 262 -4.26 -0.82 20.51
C ALA A 262 -5.08 -1.92 19.83
N TRP A 263 -6.31 -2.12 20.29
CA TRP A 263 -7.18 -3.16 19.70
C TRP A 263 -7.37 -2.88 18.21
N TYR A 264 -7.70 -1.65 17.86
CA TYR A 264 -8.05 -1.29 16.49
C TYR A 264 -6.85 -1.46 15.56
N SER A 265 -5.71 -0.92 15.98
CA SER A 265 -4.49 -1.05 15.20
C SER A 265 -3.93 -2.49 15.20
N ASN A 266 -4.02 -3.23 16.32
CA ASN A 266 -3.56 -4.60 16.34
C ASN A 266 -4.35 -5.47 15.37
N ASN A 267 -5.64 -5.19 15.22
CA ASN A 267 -6.43 -6.04 14.31
C ASN A 267 -5.92 -5.91 12.88
N LEU A 268 -5.52 -4.71 12.47
CA LEU A 268 -4.93 -4.54 11.17
CA LEU A 268 -4.90 -4.60 11.11
C LEU A 268 -3.62 -5.38 11.02
N ILE A 269 -2.77 -5.31 12.06
CA ILE A 269 -1.53 -6.07 12.08
C ILE A 269 -1.79 -7.58 11.96
N LYS A 270 -2.78 -8.07 12.72
CA LYS A 270 -3.11 -9.50 12.69
C LYS A 270 -3.66 -9.91 11.30
N HIS A 271 -4.49 -9.01 10.74
CA HIS A 271 -5.03 -9.19 9.36
C HIS A 271 -3.89 -9.35 8.34
N GLY A 272 -2.93 -8.46 8.39
CA GLY A 272 -1.76 -8.58 7.51
C GLY A 272 -0.94 -9.82 7.74
N ASP A 273 -0.72 -10.19 9.01
CA ASP A 273 0.10 -11.35 9.33
C ASP A 273 -0.54 -12.62 8.77
N ARG A 274 -1.85 -12.79 8.96
CA ARG A 274 -2.49 -14.04 8.55
CA ARG A 274 -2.47 -14.05 8.56
C ARG A 274 -2.55 -14.18 7.03
N ILE A 275 -2.78 -13.08 6.33
CA ILE A 275 -2.85 -13.11 4.87
C ILE A 275 -1.45 -13.26 4.26
N LEU A 276 -0.47 -12.56 4.80
CA LEU A 276 0.92 -12.76 4.35
C LEU A 276 1.40 -14.19 4.57
N ASP A 277 0.98 -14.83 5.65
CA ASP A 277 1.38 -16.22 5.86
C ASP A 277 0.89 -17.09 4.73
N GLU A 278 -0.34 -16.87 4.31
CA GLU A 278 -0.91 -17.63 3.20
C GLU A 278 -0.21 -17.26 1.90
N ALA A 279 0.09 -15.98 1.66
CA ALA A 279 0.80 -15.57 0.44
C ALA A 279 2.20 -16.20 0.37
N ASN A 280 2.88 -16.24 1.52
CA ASN A 280 4.19 -16.85 1.59
C ASN A 280 4.13 -18.34 1.25
N LYS A 281 3.13 -19.06 1.76
CA LYS A 281 2.97 -20.48 1.40
C LYS A 281 2.73 -20.62 -0.11
N VAL A 282 1.91 -19.74 -0.70
CA VAL A 282 1.66 -19.82 -2.14
C VAL A 282 2.94 -19.65 -2.95
N PHE A 283 3.73 -18.62 -2.62
CA PHE A 283 4.86 -18.27 -3.48
C PHE A 283 6.19 -18.86 -3.04
N LEU A 284 6.17 -19.76 -2.06
CA LEU A 284 7.36 -20.44 -1.56
C LEU A 284 8.20 -20.95 -2.71
N GLY A 285 9.49 -20.60 -2.67
CA GLY A 285 10.43 -21.13 -3.65
C GLY A 285 10.56 -20.31 -4.93
N TYR A 286 9.66 -19.35 -5.16
CA TYR A 286 9.76 -18.47 -6.32
C TYR A 286 10.63 -17.25 -5.99
N LYS A 287 11.28 -16.72 -7.02
CA LYS A 287 12.24 -15.63 -6.87
C LYS A 287 11.50 -14.30 -6.94
N VAL A 288 10.69 -14.06 -5.92
CA VAL A 288 9.84 -12.86 -5.84
C VAL A 288 9.94 -12.23 -4.45
N GLN A 289 9.72 -10.92 -4.41
CA GLN A 289 9.53 -10.12 -3.20
CA GLN A 289 9.53 -10.17 -3.20
C GLN A 289 8.01 -10.13 -2.92
N LEU A 290 7.60 -10.34 -1.66
CA LEU A 290 6.21 -10.10 -1.23
CA LEU A 290 6.23 -10.09 -1.18
C LEU A 290 6.21 -8.74 -0.52
N ALA A 291 5.17 -7.97 -0.77
CA ALA A 291 5.05 -6.60 -0.26
C ALA A 291 3.67 -6.30 0.22
N ILE A 292 3.58 -5.34 1.14
CA ILE A 292 2.32 -4.69 1.50
C ILE A 292 2.42 -3.19 1.22
N LYS A 293 1.26 -2.54 1.11
CA LYS A 293 1.18 -1.09 0.89
CA LYS A 293 1.17 -1.10 0.88
C LYS A 293 0.58 -0.43 2.11
N ILE A 294 1.32 0.52 2.66
CA ILE A 294 0.87 1.33 3.78
C ILE A 294 0.45 2.68 3.21
N SER A 295 -0.73 3.14 3.61
CA SER A 295 -1.19 4.45 3.16
C SER A 295 -0.43 5.57 3.84
N GLY A 296 -0.26 6.72 3.18
CA GLY A 296 0.47 7.87 3.71
C GLY A 296 -0.47 8.92 4.30
N ILE A 297 -0.70 8.80 5.61
CA ILE A 297 -1.66 9.67 6.29
C ILE A 297 -0.86 10.76 6.98
N HIS A 298 -0.56 11.79 6.19
CA HIS A 298 0.33 12.87 6.63
C HIS A 298 -0.37 14.02 7.32
N TRP A 299 -1.69 14.11 7.17
CA TRP A 299 -2.47 15.18 7.80
C TRP A 299 -2.69 14.86 9.30
N TRP A 300 -2.53 15.91 10.12
CA TRP A 300 -2.56 15.84 11.60
C TRP A 300 -1.31 15.18 12.17
N TYR A 301 -0.28 14.90 11.35
CA TYR A 301 0.93 14.33 11.90
C TYR A 301 1.61 15.33 12.88
N LYS A 302 1.38 16.63 12.74
N LYS A 302 1.41 16.63 12.67
CA LYS A 302 2.05 17.60 13.61
CA LYS A 302 2.02 17.64 13.53
C LYS A 302 1.37 17.80 14.96
C LYS A 302 1.31 17.90 14.86
N VAL A 303 0.17 17.27 15.15
CA VAL A 303 -0.54 17.47 16.41
C VAL A 303 -0.44 16.23 17.31
N PRO A 304 -0.64 16.41 18.63
CA PRO A 304 -0.34 15.27 19.49
C PRO A 304 -1.12 13.98 19.21
N SER A 305 -2.39 14.09 18.85
CA SER A 305 -3.20 12.91 18.65
C SER A 305 -2.92 12.17 17.34
N HIS A 306 -2.25 12.78 16.36
CA HIS A 306 -2.09 12.08 15.06
C HIS A 306 -3.45 11.52 14.62
N ALA A 307 -4.49 12.34 14.67
CA ALA A 307 -5.84 11.82 14.64
C ALA A 307 -6.16 11.00 13.37
N ALA A 308 -5.74 11.47 12.20
CA ALA A 308 -6.06 10.78 10.96
C ALA A 308 -5.32 9.44 10.83
N GLU A 309 -4.09 9.39 11.34
CA GLU A 309 -3.37 8.11 11.38
C GLU A 309 -4.16 7.15 12.29
N LEU A 310 -4.61 7.64 13.46
CA LEU A 310 -5.34 6.78 14.39
C LEU A 310 -6.56 6.17 13.73
N THR A 311 -7.37 6.98 13.03
CA THR A 311 -8.61 6.47 12.44
C THR A 311 -8.34 5.56 11.25
N ALA A 312 -7.23 5.76 10.56
CA ALA A 312 -6.82 4.85 9.48
C ALA A 312 -6.37 3.49 10.02
N GLY A 313 -5.98 3.44 11.31
CA GLY A 313 -5.48 2.24 11.94
C GLY A 313 -4.01 2.21 12.31
N TYR A 314 -3.32 3.33 12.16
CA TYR A 314 -1.91 3.47 12.48
C TYR A 314 -1.76 4.17 13.82
N TYR A 315 -1.45 3.38 14.87
CA TYR A 315 -1.46 3.91 16.23
C TYR A 315 -0.10 4.56 16.51
N ASN A 316 0.07 5.77 15.96
CA ASN A 316 1.33 6.46 15.88
C ASN A 316 1.28 7.75 16.70
N LEU A 317 2.13 7.91 17.71
CA LEU A 317 2.18 9.09 18.57
C LEU A 317 3.65 9.48 18.78
N HIS A 318 3.88 10.61 19.43
CA HIS A 318 5.23 11.10 19.70
CA HIS A 318 5.26 11.08 19.54
C HIS A 318 6.11 10.03 20.30
N ASP A 319 5.53 9.28 21.21
CA ASP A 319 6.25 8.27 21.99
C ASP A 319 5.85 6.83 21.68
N ARG A 320 5.25 6.60 20.51
CA ARG A 320 4.81 5.25 20.14
C ARG A 320 4.93 5.07 18.62
N ASP A 321 5.84 4.19 18.21
CA ASP A 321 6.07 4.01 16.77
C ASP A 321 5.06 3.03 16.16
N GLY A 322 4.01 3.58 15.57
CA GLY A 322 2.95 2.75 15.00
C GLY A 322 3.26 2.15 13.65
N TYR A 323 4.44 2.43 13.11
CA TYR A 323 4.89 1.80 11.87
C TYR A 323 5.96 0.73 12.11
N ARG A 324 6.79 0.90 13.15
CA ARG A 324 7.80 -0.09 13.42
C ARG A 324 7.15 -1.40 13.94
N THR A 325 5.98 -1.33 14.61
CA THR A 325 5.22 -2.50 14.93
C THR A 325 4.83 -3.25 13.65
N ILE A 326 4.24 -2.55 12.67
CA ILE A 326 3.91 -3.16 11.39
C ILE A 326 5.17 -3.82 10.79
N ALA A 327 6.27 -3.08 10.77
CA ALA A 327 7.51 -3.60 10.21
C ALA A 327 7.98 -4.86 10.91
N ARG A 328 7.89 -4.92 12.24
CA ARG A 328 8.26 -6.10 12.96
C ARG A 328 7.40 -7.30 12.55
N MET A 329 6.10 -7.06 12.37
CA MET A 329 5.24 -8.15 11.88
C MET A 329 5.66 -8.69 10.52
N LEU A 330 6.15 -7.81 9.67
CA LEU A 330 6.53 -8.19 8.29
C LEU A 330 7.81 -9.04 8.27
N LYS A 331 8.64 -8.87 9.29
CA LYS A 331 10.00 -9.41 9.30
C LYS A 331 10.01 -10.95 9.07
N ARG A 332 9.14 -11.69 9.76
CA ARG A 332 9.22 -13.15 9.62
C ARG A 332 8.90 -13.63 8.21
N HIS A 333 8.10 -12.83 7.48
CA HIS A 333 7.70 -13.15 6.13
C HIS A 333 8.75 -12.77 5.09
N ARG A 334 9.73 -12.00 5.52
CA ARG A 334 10.64 -11.29 4.62
C ARG A 334 9.86 -10.44 3.61
N ALA A 335 8.78 -9.83 4.10
CA ALA A 335 7.96 -8.96 3.31
C ALA A 335 8.49 -7.52 3.31
N SER A 336 8.25 -6.80 2.24
N SER A 336 8.20 -6.80 2.23
CA SER A 336 8.71 -5.42 2.14
CA SER A 336 8.64 -5.41 2.05
C SER A 336 7.55 -4.43 2.37
C SER A 336 7.52 -4.45 2.46
N ILE A 337 7.91 -3.21 2.72
CA ILE A 337 6.96 -2.12 2.81
C ILE A 337 7.01 -1.30 1.54
N ASN A 338 5.84 -1.07 0.92
CA ASN A 338 5.73 -0.11 -0.16
C ASN A 338 4.99 1.09 0.43
N PHE A 339 5.70 2.21 0.53
CA PHE A 339 5.13 3.45 1.13
C PHE A 339 4.83 4.45 0.02
N THR A 340 4.52 5.67 0.37
CA THR A 340 4.05 6.68 -0.56
C THR A 340 4.41 8.04 -0.01
N CYS A 341 3.99 9.09 -0.70
CA CYS A 341 4.31 10.46 -0.35
C CYS A 341 5.77 10.79 -0.58
N ALA A 342 6.47 10.01 -1.41
CA ALA A 342 7.89 10.22 -1.64
C ALA A 342 8.25 11.47 -2.40
N GLU A 343 7.25 12.08 -3.03
CA GLU A 343 7.42 13.30 -3.85
C GLU A 343 7.06 14.58 -3.11
N MET A 344 6.54 14.47 -1.88
CA MET A 344 5.97 15.60 -1.18
C MET A 344 6.96 16.34 -0.28
N ARG A 345 6.90 17.67 -0.36
CA ARG A 345 7.54 18.52 0.63
C ARG A 345 6.50 19.11 1.58
N ASP A 346 6.88 19.29 2.84
CA ASP A 346 5.97 19.88 3.83
C ASP A 346 5.45 21.27 3.38
N SER A 347 6.32 22.05 2.75
CA SER A 347 5.99 23.40 2.29
C SER A 347 4.91 23.44 1.21
N GLU A 348 4.64 22.29 0.57
CA GLU A 348 3.60 22.20 -0.48
C GLU A 348 2.22 21.93 0.06
N GLN A 349 2.13 21.67 1.38
CA GLN A 349 0.86 21.28 1.99
C GLN A 349 0.21 22.48 2.63
N SER A 350 -1.11 22.45 2.76
N SER A 350 -1.12 22.47 2.64
CA SER A 350 -1.80 23.57 3.40
CA SER A 350 -1.98 23.44 3.34
C SER A 350 -1.55 23.55 4.89
C SER A 350 -1.62 23.54 4.86
N SER A 351 -1.43 24.74 5.44
CA SER A 351 -1.16 24.90 6.85
C SER A 351 -2.19 24.28 7.80
N GLN A 352 -3.45 24.40 7.41
CA GLN A 352 -4.53 23.92 8.26
CA GLN A 352 -4.52 23.92 8.26
C GLN A 352 -4.56 22.40 8.37
N ALA A 353 -3.91 21.71 7.44
CA ALA A 353 -3.83 20.22 7.49
C ALA A 353 -2.83 19.67 8.49
N MET A 354 -2.01 20.54 9.08
CA MET A 354 -0.99 20.15 10.05
CA MET A 354 -1.04 20.11 10.05
C MET A 354 -0.26 18.90 9.56
N SER A 355 0.28 19.03 8.37
CA SER A 355 0.75 17.94 7.55
C SER A 355 2.28 17.85 7.50
N ALA A 356 2.82 16.65 7.67
CA ALA A 356 4.27 16.47 7.68
C ALA A 356 4.68 15.23 6.87
N PRO A 357 4.44 15.23 5.54
CA PRO A 357 4.81 14.07 4.76
C PRO A 357 6.28 13.73 4.80
N GLU A 358 7.16 14.72 4.85
CA GLU A 358 8.58 14.38 4.87
C GLU A 358 8.98 13.57 6.09
N GLU A 359 8.52 14.05 7.25
CA GLU A 359 8.80 13.41 8.51
C GLU A 359 8.14 12.01 8.59
N LEU A 360 6.94 11.89 8.05
CA LEU A 360 6.25 10.58 8.01
C LEU A 360 7.04 9.57 7.14
N VAL A 361 7.45 9.99 5.95
CA VAL A 361 8.31 9.17 5.09
C VAL A 361 9.58 8.74 5.82
N GLN A 362 10.24 9.68 6.49
CA GLN A 362 11.47 9.33 7.20
C GLN A 362 11.21 8.33 8.31
N GLN A 363 10.09 8.50 8.99
CA GLN A 363 9.73 7.56 10.05
C GLN A 363 9.49 6.13 9.51
N VAL A 364 8.71 6.02 8.45
CA VAL A 364 8.36 4.72 7.90
C VAL A 364 9.59 4.03 7.29
N LEU A 365 10.39 4.76 6.51
CA LEU A 365 11.61 4.18 5.94
C LEU A 365 12.54 3.72 7.07
N SER A 366 12.73 4.58 8.07
CA SER A 366 13.62 4.21 9.18
C SER A 366 13.14 2.98 9.95
N ALA A 367 11.82 2.88 10.16
CA ALA A 367 11.22 1.72 10.81
C ALA A 367 11.47 0.43 10.02
N GLY A 368 11.24 0.46 8.73
CA GLY A 368 11.50 -0.68 7.87
C GLY A 368 12.97 -1.11 7.93
N TRP A 369 13.85 -0.13 7.78
CA TRP A 369 15.28 -0.41 7.77
C TRP A 369 15.74 -0.96 9.12
N ARG A 370 15.21 -0.46 10.23
CA ARG A 370 15.57 -1.04 11.52
C ARG A 370 15.13 -2.49 11.73
N GLU A 371 14.07 -2.90 11.03
CA GLU A 371 13.61 -4.28 11.10
C GLU A 371 14.22 -5.11 9.97
N GLY A 372 15.18 -4.56 9.24
CA GLY A 372 15.86 -5.32 8.21
C GLY A 372 15.07 -5.57 6.93
N LEU A 373 14.07 -4.75 6.69
CA LEU A 373 13.23 -4.91 5.53
C LEU A 373 13.74 -4.13 4.32
N ASN A 374 13.37 -4.61 3.12
CA ASN A 374 13.38 -3.79 1.95
C ASN A 374 12.20 -2.79 2.02
N VAL A 375 12.48 -1.55 1.62
CA VAL A 375 11.45 -0.53 1.59
C VAL A 375 11.41 0.09 0.20
N ALA A 376 10.20 0.21 -0.39
CA ALA A 376 9.99 0.88 -1.69
C ALA A 376 9.01 2.01 -1.45
N CYS A 377 8.88 2.91 -2.41
CA CYS A 377 7.95 3.99 -2.31
CA CYS A 377 7.96 4.04 -2.32
C CYS A 377 7.32 4.37 -3.64
N GLU A 378 6.20 5.07 -3.56
CA GLU A 378 5.44 5.65 -4.65
C GLU A 378 5.30 7.16 -4.41
N ASN A 379 4.87 7.87 -5.43
CA ASN A 379 4.32 9.22 -5.26
C ASN A 379 2.85 9.13 -4.91
N ALA A 380 2.39 9.99 -4.00
CA ALA A 380 0.98 10.05 -3.62
C ALA A 380 0.08 10.73 -4.65
N LEU A 381 0.58 11.81 -5.25
CA LEU A 381 -0.21 12.64 -6.16
C LEU A 381 0.52 12.77 -7.51
N PRO A 382 -0.23 13.09 -8.58
CA PRO A 382 0.41 13.24 -9.89
C PRO A 382 1.39 14.42 -9.88
N ARG A 383 2.60 14.18 -10.37
CA ARG A 383 3.64 15.23 -10.47
C ARG A 383 4.49 14.94 -11.66
N TYR A 384 4.86 16.01 -12.37
CA TYR A 384 5.67 15.93 -13.61
C TYR A 384 6.92 16.83 -13.59
N ASP A 385 7.08 17.55 -12.48
CA ASP A 385 8.03 18.65 -12.37
C ASP A 385 9.36 18.25 -11.72
N PRO A 386 10.46 18.93 -12.06
CA PRO A 386 11.75 18.60 -11.48
C PRO A 386 11.79 18.58 -9.94
N THR A 387 11.07 19.49 -9.28
CA THR A 387 11.12 19.54 -7.83
C THR A 387 10.62 18.21 -7.23
N ALA A 388 9.49 17.72 -7.76
CA ALA A 388 8.97 16.42 -7.31
C ALA A 388 10.00 15.29 -7.49
N TYR A 389 10.64 15.23 -8.66
CA TYR A 389 11.65 14.22 -8.89
C TYR A 389 12.85 14.32 -7.96
N ASN A 390 13.24 15.56 -7.66
CA ASN A 390 14.33 15.78 -6.76
C ASN A 390 13.94 15.40 -5.30
N THR A 391 12.69 15.59 -4.93
CA THR A 391 12.25 15.13 -3.62
C THR A 391 12.27 13.58 -3.53
N ILE A 392 11.80 12.93 -4.61
CA ILE A 392 11.85 11.46 -4.68
C ILE A 392 13.34 11.01 -4.59
N LEU A 393 14.23 11.67 -5.33
CA LEU A 393 15.65 11.32 -5.33
C LEU A 393 16.25 11.42 -3.92
N ARG A 394 15.89 12.46 -3.17
CA ARG A 394 16.36 12.60 -1.77
C ARG A 394 15.94 11.38 -0.92
N ASN A 395 14.66 11.03 -1.01
CA ASN A 395 14.12 9.91 -0.26
C ASN A 395 14.69 8.58 -0.71
N ALA A 396 15.06 8.47 -1.99
CA ALA A 396 15.59 7.23 -2.54
C ALA A 396 16.97 6.89 -1.98
N ARG A 397 17.77 7.94 -1.76
CA ARG A 397 19.13 7.80 -1.18
C ARG A 397 19.30 8.92 -0.16
N PRO A 398 18.84 8.68 1.07
CA PRO A 398 18.80 9.76 2.06
C PRO A 398 20.16 10.30 2.44
N HIS A 399 21.20 9.50 2.24
CA HIS A 399 22.57 9.92 2.58
C HIS A 399 23.35 10.29 1.35
N GLY A 400 22.70 10.35 0.19
CA GLY A 400 23.33 10.67 -1.09
C GLY A 400 24.06 9.47 -1.69
N ILE A 401 24.95 9.77 -2.65
CA ILE A 401 25.76 8.78 -3.38
C ILE A 401 26.91 8.30 -2.49
N ASN A 402 27.14 6.99 -2.38
CA ASN A 402 28.40 6.43 -1.84
C ASN A 402 29.30 6.21 -3.04
N GLN A 403 30.47 6.87 -3.06
CA GLN A 403 31.37 6.77 -4.24
C GLN A 403 32.01 5.41 -4.52
N SER A 404 32.14 4.56 -3.50
CA SER A 404 32.91 3.30 -3.65
C SER A 404 32.20 1.95 -3.29
N GLY A 405 30.88 2.02 -3.05
CA GLY A 405 30.09 0.85 -2.62
C GLY A 405 28.61 1.20 -2.39
N PRO A 406 27.81 0.25 -1.85
CA PRO A 406 26.43 0.57 -1.54
C PRO A 406 26.31 1.62 -0.44
N PRO A 407 25.31 2.50 -0.54
CA PRO A 407 25.10 3.46 0.55
C PRO A 407 24.56 2.76 1.81
N GLU A 408 24.46 3.52 2.88
CA GLU A 408 24.13 2.95 4.18
C GLU A 408 22.63 2.56 4.17
N HIS A 409 21.80 3.37 3.48
CA HIS A 409 20.36 3.11 3.28
C HIS A 409 19.92 3.60 1.89
N LYS A 410 18.97 2.89 1.29
CA LYS A 410 18.41 3.31 -0.01
CA LYS A 410 18.50 3.19 -0.06
C LYS A 410 17.11 2.58 -0.21
N LEU A 411 16.20 3.20 -0.94
CA LEU A 411 15.00 2.49 -1.35
C LEU A 411 15.39 1.30 -2.25
N PHE A 412 14.64 0.21 -2.09
CA PHE A 412 14.75 -0.96 -2.92
C PHE A 412 14.14 -0.72 -4.30
N GLY A 413 13.19 0.18 -4.41
CA GLY A 413 12.61 0.57 -5.66
C GLY A 413 11.69 1.76 -5.46
N PHE A 414 11.32 2.37 -6.58
CA PHE A 414 10.32 3.42 -6.63
C PHE A 414 9.36 3.10 -7.74
N THR A 415 8.06 3.29 -7.49
CA THR A 415 7.03 3.09 -8.53
C THR A 415 6.31 4.42 -8.79
N TYR A 416 6.34 4.89 -10.03
CA TYR A 416 5.74 6.12 -10.45
C TYR A 416 4.26 5.91 -10.82
N LEU A 417 3.41 6.70 -10.21
CA LEU A 417 1.99 6.70 -10.49
C LEU A 417 1.68 7.91 -11.36
N ARG A 418 1.23 7.77 -12.61
CA ARG A 418 0.92 6.52 -13.31
C ARG A 418 1.12 6.79 -14.80
N LEU A 419 1.39 5.73 -15.55
CA LEU A 419 1.54 5.88 -17.00
C LEU A 419 0.30 6.50 -17.61
N SER A 420 0.54 7.44 -18.53
CA SER A 420 -0.51 8.02 -19.36
C SER A 420 0.16 8.57 -20.60
N ASN A 421 -0.67 8.94 -21.57
CA ASN A 421 -0.13 9.63 -22.74
C ASN A 421 0.52 10.98 -22.36
N GLN A 422 0.02 11.66 -21.33
CA GLN A 422 0.55 12.96 -20.93
C GLN A 422 1.98 12.81 -20.37
N LEU A 423 2.29 11.69 -19.72
CA LEU A 423 3.62 11.47 -19.18
C LEU A 423 4.69 11.37 -20.25
N VAL A 424 4.37 10.69 -21.34
CA VAL A 424 5.39 10.30 -22.32
C VAL A 424 5.51 11.22 -23.53
N GLU A 425 5.07 12.46 -23.39
CA GLU A 425 5.30 13.48 -24.41
C GLU A 425 5.89 14.75 -23.79
N GLY A 426 6.50 15.55 -24.66
CA GLY A 426 6.86 16.90 -24.34
C GLY A 426 7.84 17.03 -23.20
N GLN A 427 7.66 18.13 -22.47
CA GLN A 427 8.51 18.44 -21.36
C GLN A 427 8.33 17.40 -20.23
N ASN A 428 7.12 16.90 -20.06
CA ASN A 428 6.89 15.85 -19.04
C ASN A 428 7.82 14.65 -19.24
N TYR A 429 7.93 14.21 -20.49
CA TYR A 429 8.78 13.08 -20.81
C TYR A 429 10.24 13.38 -20.61
N ALA A 430 10.69 14.56 -21.04
CA ALA A 430 12.06 14.95 -20.83
C ALA A 430 12.43 14.92 -19.34
N ASN A 431 11.55 15.45 -18.47
CA ASN A 431 11.80 15.48 -17.01
C ASN A 431 11.84 14.05 -16.45
N PHE A 432 10.93 13.20 -16.92
CA PHE A 432 10.87 11.83 -16.45
C PHE A 432 12.10 11.01 -16.81
N LYS A 433 12.55 11.10 -18.07
CA LYS A 433 13.74 10.36 -18.47
CA LYS A 433 13.76 10.38 -18.49
CA LYS A 433 13.74 10.38 -18.49
CA LYS A 433 13.75 10.36 -18.49
C LYS A 433 14.96 10.78 -17.66
N THR A 434 15.11 12.09 -17.41
CA THR A 434 16.26 12.51 -16.62
C THR A 434 16.16 11.96 -15.20
N PHE A 435 14.97 11.99 -14.63
CA PHE A 435 14.74 11.35 -13.32
C PHE A 435 15.19 9.91 -13.28
N VAL A 436 14.84 9.13 -14.29
CA VAL A 436 15.24 7.73 -14.30
C VAL A 436 16.78 7.61 -14.34
N ASP A 437 17.42 8.45 -15.18
CA ASP A 437 18.88 8.47 -15.20
C ASP A 437 19.45 8.67 -13.78
N ARG A 438 18.92 9.68 -13.10
CA ARG A 438 19.44 10.02 -11.75
C ARG A 438 19.19 8.90 -10.72
N MET A 439 18.01 8.30 -10.79
CA MET A 439 17.71 7.17 -9.92
C MET A 439 18.67 6.02 -10.14
N HIS A 440 19.08 5.83 -11.40
CA HIS A 440 20.08 4.83 -11.76
C HIS A 440 21.53 5.29 -11.55
N ALA A 441 21.72 6.41 -10.85
CA ALA A 441 23.07 6.94 -10.60
C ALA A 441 23.81 7.19 -11.92
N ASN A 442 23.06 7.60 -12.94
CA ASN A 442 23.60 7.91 -14.28
C ASN A 442 24.20 6.71 -15.00
N LEU A 443 23.78 5.49 -14.64
CA LEU A 443 24.16 4.25 -15.26
C LEU A 443 23.06 3.78 -16.19
N PRO A 444 23.40 2.92 -17.16
CA PRO A 444 22.36 2.34 -18.00
C PRO A 444 21.50 1.35 -17.21
N ARG A 445 20.37 0.98 -17.77
CA ARG A 445 19.48 -0.02 -17.16
CA ARG A 445 19.51 0.00 -17.13
C ARG A 445 20.26 -1.31 -16.93
N ASP A 446 20.09 -1.92 -15.76
CA ASP A 446 20.74 -3.19 -15.43
C ASP A 446 19.65 -4.23 -15.30
N PRO A 447 19.48 -5.10 -16.29
CA PRO A 447 18.42 -6.09 -16.20
C PRO A 447 18.65 -7.10 -15.07
N TYR A 448 19.88 -7.20 -14.52
CA TYR A 448 20.31 -8.24 -13.58
C TYR A 448 20.28 -7.70 -12.15
N VAL A 449 19.88 -6.43 -11.97
CA VAL A 449 20.01 -5.80 -10.65
C VAL A 449 19.06 -6.42 -9.63
N ASP A 450 19.51 -6.47 -8.38
CA ASP A 450 18.68 -6.89 -7.22
C ASP A 450 18.06 -8.28 -7.45
N PRO A 451 18.89 -9.28 -7.74
CA PRO A 451 18.33 -10.62 -7.89
C PRO A 451 17.71 -11.13 -6.57
N MET A 452 16.67 -11.93 -6.71
CA MET A 452 15.85 -12.50 -5.62
CA MET A 452 15.95 -12.47 -5.54
C MET A 452 16.25 -13.95 -5.36
N ALA A 453 16.48 -14.33 -4.09
CA ALA A 453 16.64 -15.75 -3.78
C ALA A 453 15.24 -16.39 -3.79
N PRO A 454 15.16 -17.70 -4.02
CA PRO A 454 13.88 -18.39 -3.85
C PRO A 454 13.26 -18.03 -2.49
N LEU A 455 11.98 -17.69 -2.46
CA LEU A 455 11.34 -17.20 -1.27
C LEU A 455 11.32 -18.30 -0.18
N PRO A 456 11.94 -18.04 0.99
CA PRO A 456 11.86 -19.01 2.06
C PRO A 456 10.57 -18.94 2.84
N ARG A 457 10.25 -19.99 3.58
CA ARG A 457 9.06 -19.99 4.40
C ARG A 457 9.17 -18.99 5.53
N SER A 458 8.05 -18.35 5.81
CA SER A 458 7.93 -17.44 6.96
C SER A 458 8.49 -18.10 8.21
N GLY A 459 9.18 -17.29 9.00
CA GLY A 459 9.66 -17.73 10.30
C GLY A 459 8.53 -17.87 11.27
N PRO A 460 8.86 -18.30 12.51
CA PRO A 460 7.85 -18.55 13.53
C PRO A 460 6.90 -17.39 13.77
N GLU A 461 5.63 -17.71 13.87
CA GLU A 461 4.63 -16.76 14.25
C GLU A 461 4.98 -16.17 15.59
N ILE A 462 4.91 -14.84 15.70
CA ILE A 462 5.15 -14.13 16.94
C ILE A 462 3.86 -13.47 17.40
N SER A 463 3.69 -13.37 18.70
CA SER A 463 2.49 -12.82 19.28
C SER A 463 2.37 -11.33 19.09
N ILE A 464 1.16 -10.79 19.26
CA ILE A 464 0.97 -9.36 19.21
C ILE A 464 1.83 -8.64 20.26
N GLU A 465 1.99 -9.23 21.44
CA GLU A 465 2.83 -8.64 22.45
C GLU A 465 4.29 -8.54 22.00
N MET A 466 4.77 -9.55 21.32
CA MET A 466 6.10 -9.53 20.79
C MET A 466 6.25 -8.45 19.70
N ILE A 467 5.26 -8.36 18.82
CA ILE A 467 5.28 -7.32 17.78
C ILE A 467 5.34 -5.91 18.42
N LEU A 468 4.54 -5.71 19.47
CA LEU A 468 4.41 -4.41 20.08
C LEU A 468 5.64 -3.96 20.87
N GLN A 469 6.58 -4.88 21.13
CA GLN A 469 7.86 -4.44 21.68
CA GLN A 469 7.88 -4.47 21.68
C GLN A 469 8.55 -3.40 20.81
N ALA A 470 8.28 -3.41 19.49
CA ALA A 470 8.84 -2.43 18.58
C ALA A 470 8.28 -1.01 18.75
N ALA A 471 7.18 -0.83 19.49
CA ALA A 471 6.53 0.46 19.56
C ALA A 471 7.33 1.49 20.35
N GLN A 472 8.07 1.02 21.36
CA GLN A 472 8.75 1.92 22.28
C GLN A 472 10.05 1.26 22.74
N PRO A 473 11.04 2.08 23.09
CA PRO A 473 11.05 3.51 22.91
C PRO A 473 11.03 3.91 21.44
N LYS A 474 10.41 5.04 21.17
CA LYS A 474 10.40 5.62 19.84
C LYS A 474 11.76 6.18 19.54
N LEU A 475 12.35 5.82 18.39
CA LEU A 475 13.69 6.28 18.02
C LEU A 475 13.61 7.38 16.96
N GLN A 476 14.58 8.27 16.98
CA GLN A 476 14.74 9.25 15.94
C GLN A 476 15.00 8.59 14.58
N PRO A 477 14.56 9.23 13.50
CA PRO A 477 14.84 8.66 12.21
C PRO A 477 16.31 8.75 11.85
N PHE A 478 16.74 7.97 10.88
CA PHE A 478 18.08 8.15 10.34
C PHE A 478 18.16 9.51 9.69
N PRO A 479 19.35 10.09 9.63
CA PRO A 479 19.47 11.42 9.04
C PRO A 479 19.23 11.43 7.53
N PHE A 480 18.45 12.38 7.05
CA PHE A 480 18.15 12.55 5.63
C PHE A 480 18.74 13.89 5.20
N GLN A 481 19.41 13.92 4.05
CA GLN A 481 19.84 15.19 3.47
C GLN A 481 18.67 16.07 3.11
N GLU A 482 18.84 17.37 3.22
CA GLU A 482 17.76 18.27 2.86
C GLU A 482 17.45 18.21 1.35
N HIS A 483 18.50 18.08 0.54
CA HIS A 483 18.38 18.03 -0.92
C HIS A 483 19.22 16.91 -1.47
N THR A 484 18.75 16.31 -2.57
CA THR A 484 19.55 15.34 -3.28
C THR A 484 20.89 15.93 -3.75
N ASP A 485 21.92 15.09 -3.73
CA ASP A 485 23.23 15.40 -4.33
C ASP A 485 23.29 15.07 -5.84
N LEU A 486 22.21 14.57 -6.42
CA LEU A 486 22.20 14.15 -7.84
C LEU A 486 20.88 14.62 -8.49
N PRO A 487 20.61 15.93 -8.44
CA PRO A 487 19.37 16.46 -8.96
C PRO A 487 19.16 16.31 -10.45
N VAL A 488 17.92 16.43 -10.89
CA VAL A 488 17.60 16.39 -12.32
CA VAL A 488 17.64 16.37 -12.34
C VAL A 488 18.35 17.49 -13.14
N GLY A 489 18.44 18.68 -12.56
CA GLY A 489 19.09 19.83 -13.24
C GLY A 489 18.03 20.54 -14.03
C2 BGC B . -3.89 17.76 -8.69
C3 BGC B . -3.85 17.67 -7.16
C4 BGC B . -5.25 17.35 -6.63
C5 BGC B . -5.74 16.07 -7.31
C6 BGC B . -7.11 15.56 -6.83
C1 BGC B . -4.43 16.45 -9.26
O1 BGC B . -4.36 16.49 -10.70
O2 BGC B . -2.56 18.01 -9.16
O3 BGC B . -3.34 18.89 -6.60
O4 BGC B . -5.05 17.20 -5.21
O5 BGC B . -5.77 16.24 -8.75
O6 BGC B . -8.17 16.53 -6.92
C1 GLC B . -5.80 18.05 -4.35
C2 GLC B . -4.88 18.59 -3.26
C3 GLC B . -4.31 17.42 -2.50
C4 GLC B . -5.44 16.55 -1.92
C5 GLC B . -6.46 16.15 -2.99
C6 GLC B . -7.73 15.51 -2.40
C6 GLC B . -7.69 15.45 -2.40
O2 GLC B . -3.81 19.35 -3.87
O3 GLC B . -3.40 17.88 -1.49
O4 GLC B . -4.88 15.33 -1.49
O5 GLC B . -6.87 17.32 -3.72
O6 GLC B . -8.39 16.39 -1.46
O6 GLC B . -8.53 14.95 -3.44
C1 AC1 B . -4.99 15.05 -0.09
O2 AC1 B . -2.67 15.56 0.19
C2 AC1 B . -3.64 14.54 0.38
C4A AC1 B . -3.24 7.04 -0.26
C3 AC1 B . -3.25 13.22 -0.29
O3 AC1 B . -1.97 12.80 0.21
C4 AC1 B . -4.37 12.23 0.01
N4A AC1 B . -4.08 10.91 -0.53
C5 AC1 B . -5.76 12.78 -0.45
O5 AC1 B . -5.98 14.08 0.15
C6 AC1 B . -6.97 11.91 -0.08
C1B AC1 B . -4.28 9.75 0.34
C2B AC1 B . -2.97 9.18 0.90
O2B AC1 B . -2.09 10.26 1.24
C3B AC1 B . -2.33 8.24 -0.09
O3B AC1 B . -1.06 7.84 0.43
O4 AC1 B . -2.74 6.22 -1.32
C5B AC1 B . -4.63 7.44 -0.59
C7B AC1 B . -5.07 8.67 -0.35
C6B AC1 B . -5.61 6.41 -1.13
O6B AC1 B . -5.92 5.51 -0.06
C1 EDO C . -18.26 4.50 5.40
O1 EDO C . -18.50 5.57 4.46
C2 EDO C . -16.81 4.49 5.90
O2 EDO C . -15.95 4.10 4.83
C1 EDO D . -18.07 -1.85 21.66
O1 EDO D . -18.79 -0.62 21.70
C2 EDO D . -18.69 -2.90 20.80
O2 EDO D . -20.09 -3.10 21.07
#